data_9I74
#
_entry.id   9I74
#
_cell.length_a   82.256
_cell.length_b   112.410
_cell.length_c   62.659
_cell.angle_alpha   90.000
_cell.angle_beta   90.000
_cell.angle_gamma   90.000
#
_symmetry.space_group_name_H-M   'C 2 2 21'
#
loop_
_entity.id
_entity.type
_entity.pdbx_description
1 polymer '14-3-3 protein sigma'
2 polymer 'Estrogen receptor'
3 non-polymer 2-chloranyl-~{N}-[4-[3-[(2-chloranyl-6-methyl-phenyl)amino]imidazo[1,2-a]pyridin-2-yl]phenyl]ethanamide
4 non-polymer 'CALCIUM ION'
5 non-polymer 'CHLORIDE ION'
6 water water
#
loop_
_entity_poly.entity_id
_entity_poly.type
_entity_poly.pdbx_seq_one_letter_code
_entity_poly.pdbx_strand_id
1 'polypeptide(L)'
;GAMGSMERASLIQKAKLAEQAERYEDMAAFMKGAVEKGEELSCEERNLLSVAYKNVVGGQRAAWRVLSSIEQKSNEEGSE
EKGPEVREYREKVETELQGVCDTVLGLLDSHLIKEAGDAESRVFYLKMKGDYYRYLAEVATGDDKKRIIDSARSAYQEAM
DISKKEMPPTNPIRLGLALNFSVFHYEIANSPEEAISLAKTTFDEAMADLHTLSEDSYKDSTLIMQLLRDNLTLWT
;
A
2 'polypeptide(L)' FPA(TPO)V B
#
loop_
_chem_comp.id
_chem_comp.type
_chem_comp.name
_chem_comp.formula
A1I01 non-polymer 2-chloranyl-~{N}-[4-[3-[(2-chloranyl-6-methyl-phenyl)amino]imidazo[1,2-a]pyridin-2-yl]phenyl]ethanamide 'C22 H18 Cl2 N4 O'
CA non-polymer 'CALCIUM ION' 'Ca 2'
CL non-polymer 'CHLORIDE ION' 'Cl -1'
#
# COMPACT_ATOMS: atom_id res chain seq x y z
N GLY A 1 -14.31 19.60 -2.43
CA GLY A 1 -13.53 20.18 -1.33
C GLY A 1 -12.78 21.40 -1.83
N ALA A 2 -11.55 21.58 -1.31
CA ALA A 2 -10.70 22.69 -1.71
C ALA A 2 -10.42 22.69 -3.22
N MET A 3 -10.47 21.50 -3.86
CA MET A 3 -10.17 21.41 -5.27
C MET A 3 -11.42 21.40 -6.13
N GLY A 4 -12.56 21.74 -5.50
CA GLY A 4 -13.83 21.66 -6.18
C GLY A 4 -13.97 22.57 -7.40
N SER A 5 -13.26 23.71 -7.37
CA SER A 5 -13.34 24.66 -8.46
C SER A 5 -12.34 24.41 -9.61
N MET A 6 -11.43 23.42 -9.46
CA MET A 6 -10.44 23.17 -10.50
C MET A 6 -10.91 22.04 -11.43
N GLU A 7 -10.72 22.24 -12.74
CA GLU A 7 -11.02 21.19 -13.71
C GLU A 7 -10.31 19.87 -13.40
N ARG A 8 -11.01 18.77 -13.64
CA ARG A 8 -10.40 17.46 -13.51
C ARG A 8 -9.07 17.37 -14.28
N ALA A 9 -9.07 17.78 -15.55
CA ALA A 9 -7.86 17.63 -16.34
C ALA A 9 -6.72 18.46 -15.76
N SER A 10 -7.02 19.63 -15.22
CA SER A 10 -6.03 20.50 -14.61
C SER A 10 -5.47 19.89 -13.33
N LEU A 11 -6.32 19.20 -12.55
CA LEU A 11 -5.88 18.50 -11.35
C LEU A 11 -4.88 17.40 -11.74
N ILE A 12 -5.20 16.63 -12.77
CA ILE A 12 -4.32 15.57 -13.26
CA ILE A 12 -4.29 15.57 -13.18
C ILE A 12 -2.99 16.15 -13.74
N GLN A 13 -3.06 17.22 -14.55
CA GLN A 13 -1.85 17.86 -15.06
C GLN A 13 -0.97 18.32 -13.88
N LYS A 14 -1.58 18.95 -12.87
CA LYS A 14 -0.81 19.45 -11.76
C LYS A 14 -0.27 18.33 -10.88
N ALA A 15 -1.00 17.20 -10.77
CA ALA A 15 -0.46 16.05 -10.04
C ALA A 15 0.85 15.60 -10.71
N LYS A 16 0.87 15.58 -12.05
CA LYS A 16 2.08 15.18 -12.77
C LYS A 16 3.23 16.18 -12.56
N LEU A 17 2.93 17.48 -12.53
CA LEU A 17 3.94 18.47 -12.21
C LEU A 17 4.47 18.31 -10.79
N ALA A 18 3.55 18.08 -9.83
CA ALA A 18 3.91 17.87 -8.45
C ALA A 18 4.85 16.67 -8.32
N GLU A 19 4.57 15.58 -9.02
CA GLU A 19 5.46 14.44 -9.01
C GLU A 19 6.87 14.83 -9.49
N GLN A 20 6.94 15.59 -10.59
CA GLN A 20 8.24 15.98 -11.13
C GLN A 20 9.03 16.81 -10.12
N ALA A 21 8.29 17.63 -9.37
CA ALA A 21 8.87 18.50 -8.34
C ALA A 21 9.04 17.83 -6.97
N GLU A 22 8.70 16.55 -6.86
CA GLU A 22 8.75 15.79 -5.61
C GLU A 22 7.94 16.43 -4.47
N ARG A 23 6.80 16.97 -4.87
CA ARG A 23 5.84 17.62 -3.99
C ARG A 23 4.67 16.67 -3.75
N TYR A 24 4.91 15.63 -2.96
CA TYR A 24 3.95 14.53 -2.89
C TYR A 24 2.67 14.87 -2.14
N GLU A 25 2.75 15.74 -1.12
CA GLU A 25 1.53 16.19 -0.44
CA GLU A 25 1.54 16.20 -0.45
C GLU A 25 0.64 16.92 -1.44
N ASP A 26 1.21 17.82 -2.25
CA ASP A 26 0.45 18.49 -3.28
C ASP A 26 -0.13 17.48 -4.28
N MET A 27 0.69 16.53 -4.68
CA MET A 27 0.26 15.53 -5.65
C MET A 27 -0.99 14.80 -5.12
N ALA A 28 -0.93 14.40 -3.84
CA ALA A 28 -2.01 13.67 -3.23
C ALA A 28 -3.28 14.52 -3.17
N ALA A 29 -3.13 15.80 -2.82
CA ALA A 29 -4.28 16.69 -2.75
C ALA A 29 -4.91 16.88 -4.12
N PHE A 30 -4.08 16.99 -5.18
CA PHE A 30 -4.59 17.08 -6.54
C PHE A 30 -5.37 15.82 -6.92
N MET A 31 -4.80 14.66 -6.63
CA MET A 31 -5.44 13.42 -6.99
C MET A 31 -6.71 13.16 -6.19
N LYS A 32 -6.74 13.53 -4.91
CA LYS A 32 -7.98 13.50 -4.13
C LYS A 32 -9.06 14.34 -4.79
N GLY A 33 -8.67 15.55 -5.22
CA GLY A 33 -9.62 16.38 -5.93
C GLY A 33 -10.14 15.72 -7.20
N ALA A 34 -9.24 15.09 -7.97
CA ALA A 34 -9.65 14.40 -9.18
C ALA A 34 -10.61 13.25 -8.88
N VAL A 35 -10.32 12.45 -7.86
CA VAL A 35 -11.22 11.37 -7.48
C VAL A 35 -12.61 11.94 -7.12
N GLU A 36 -12.63 13.04 -6.37
CA GLU A 36 -13.89 13.61 -5.94
C GLU A 36 -14.72 14.19 -7.07
N LYS A 37 -14.18 14.33 -8.28
CA LYS A 37 -15.02 14.66 -9.44
C LYS A 37 -16.08 13.61 -9.73
N GLY A 38 -15.86 12.38 -9.25
CA GLY A 38 -16.83 11.30 -9.38
C GLY A 38 -16.71 10.35 -10.56
N GLU A 39 -15.83 10.67 -11.51
CA GLU A 39 -15.60 9.80 -12.64
C GLU A 39 -14.59 8.71 -12.25
N GLU A 40 -14.71 7.58 -12.91
CA GLU A 40 -13.71 6.53 -12.74
C GLU A 40 -12.33 7.04 -13.18
N LEU A 41 -11.28 6.36 -12.68
CA LEU A 41 -9.89 6.69 -13.00
C LEU A 41 -9.34 5.71 -14.04
N SER A 42 -8.61 6.27 -14.98
CA SER A 42 -7.86 5.43 -15.91
C SER A 42 -6.68 4.75 -15.19
N CYS A 43 -5.99 3.88 -15.92
CA CYS A 43 -4.83 3.21 -15.36
C CYS A 43 -3.76 4.20 -14.91
N GLU A 44 -3.45 5.16 -15.79
CA GLU A 44 -2.43 6.15 -15.46
C GLU A 44 -2.85 6.94 -14.23
N GLU A 45 -4.12 7.32 -14.19
CA GLU A 45 -4.59 8.13 -13.06
C GLU A 45 -4.60 7.36 -11.74
N ARG A 46 -4.97 6.07 -11.79
CA ARG A 46 -4.87 5.24 -10.60
C ARG A 46 -3.46 5.18 -10.06
N ASN A 47 -2.47 5.07 -10.98
CA ASN A 47 -1.09 5.04 -10.54
C ASN A 47 -0.62 6.38 -9.98
N LEU A 48 -1.14 7.49 -10.51
CA LEU A 48 -0.83 8.78 -9.91
C LEU A 48 -1.34 8.87 -8.46
N LEU A 49 -2.58 8.43 -8.26
CA LEU A 49 -3.17 8.39 -6.94
C LEU A 49 -2.31 7.59 -5.98
N SER A 50 -1.94 6.36 -6.41
CA SER A 50 -1.20 5.48 -5.52
CA SER A 50 -1.19 5.46 -5.55
C SER A 50 0.20 6.01 -5.23
N VAL A 51 0.90 6.53 -6.26
CA VAL A 51 2.24 7.09 -6.04
C VAL A 51 2.20 8.21 -5.00
N ALA A 52 1.20 9.08 -5.13
CA ALA A 52 1.15 10.25 -4.27
C ALA A 52 1.03 9.84 -2.81
N TYR A 53 -0.01 9.05 -2.52
CA TYR A 53 -0.27 8.66 -1.16
C TYR A 53 0.81 7.72 -0.60
N LYS A 54 1.38 6.85 -1.46
CA LYS A 54 2.45 5.98 -0.99
C LYS A 54 3.64 6.76 -0.45
N ASN A 55 3.98 7.85 -1.17
CA ASN A 55 5.10 8.68 -0.78
C ASN A 55 4.77 9.46 0.49
N VAL A 56 3.55 10.00 0.60
CA VAL A 56 3.17 10.72 1.81
C VAL A 56 3.17 9.78 3.03
N VAL A 57 2.48 8.64 2.93
CA VAL A 57 2.39 7.78 4.09
C VAL A 57 3.74 7.13 4.39
N GLY A 58 4.54 6.89 3.33
CA GLY A 58 5.85 6.30 3.52
C GLY A 58 6.75 7.16 4.38
N GLY A 59 6.67 8.48 4.14
CA GLY A 59 7.42 9.40 4.98
C GLY A 59 6.93 9.39 6.42
N GLN A 60 5.59 9.37 6.58
CA GLN A 60 5.04 9.33 7.93
C GLN A 60 5.41 8.04 8.68
N ARG A 61 5.40 6.91 7.98
CA ARG A 61 5.77 5.65 8.59
C ARG A 61 7.25 5.65 9.01
N ALA A 62 8.12 6.19 8.15
CA ALA A 62 9.53 6.26 8.53
C ALA A 62 9.70 7.12 9.78
N ALA A 63 8.98 8.25 9.85
CA ALA A 63 9.10 9.13 11.02
C ALA A 63 8.56 8.46 12.28
N TRP A 64 7.42 7.78 12.13
CA TRP A 64 6.83 7.06 13.23
C TRP A 64 7.78 6.04 13.80
N ARG A 65 8.46 5.31 12.91
CA ARG A 65 9.39 4.28 13.38
C ARG A 65 10.57 4.88 14.16
N VAL A 66 11.07 6.04 13.71
CA VAL A 66 12.13 6.71 14.44
C VAL A 66 11.66 7.05 15.85
N LEU A 67 10.49 7.67 15.91
CA LEU A 67 9.96 8.16 17.17
C LEU A 67 9.60 7.01 18.11
N SER A 68 9.01 5.94 17.57
N SER A 68 9.01 5.95 17.54
CA SER A 68 8.71 4.77 18.38
CA SER A 68 8.68 4.76 18.32
C SER A 68 9.96 4.14 18.98
C SER A 68 9.92 4.10 18.94
N SER A 69 11.04 4.08 18.19
CA SER A 69 12.28 3.52 18.69
C SER A 69 12.82 4.36 19.85
N ILE A 70 12.75 5.69 19.72
CA ILE A 70 13.21 6.58 20.79
C ILE A 70 12.34 6.35 22.03
N GLU A 71 11.03 6.23 21.81
CA GLU A 71 10.12 6.04 22.91
C GLU A 71 10.37 4.72 23.65
N GLN A 72 10.62 3.65 22.88
CA GLN A 72 10.93 2.35 23.47
C GLN A 72 12.19 2.42 24.33
N LYS A 73 13.24 3.09 23.83
CA LYS A 73 14.46 3.28 24.61
C LYS A 73 14.23 4.08 25.89
N SER A 74 13.35 5.09 25.83
CA SER A 74 13.02 5.89 27.01
C SER A 74 12.38 5.04 28.09
N ASN A 75 11.71 3.96 27.71
CA ASN A 75 11.02 3.11 28.66
C ASN A 75 11.84 1.90 29.14
N GLU A 76 13.13 1.84 28.79
CA GLU A 76 14.01 0.81 29.32
C GLU A 76 14.51 1.13 30.73
N GLU A 77 14.96 0.10 31.46
CA GLU A 77 15.51 0.27 32.79
C GLU A 77 16.82 1.06 32.71
N GLY A 78 16.96 2.07 33.57
CA GLY A 78 18.15 2.91 33.58
C GLY A 78 17.97 4.21 32.81
N SER A 79 16.95 4.25 31.94
CA SER A 79 16.68 5.45 31.14
C SER A 79 16.16 6.58 32.03
N GLU A 80 16.71 7.80 31.86
CA GLU A 80 16.30 8.95 32.65
C GLU A 80 14.94 9.43 32.15
N GLU A 81 14.04 9.79 33.08
CA GLU A 81 12.72 10.30 32.73
C GLU A 81 12.89 11.58 31.90
N LYS A 82 12.21 11.66 30.75
CA LYS A 82 12.32 12.84 29.90
C LYS A 82 11.01 13.60 29.76
N GLY A 83 9.97 13.11 30.48
CA GLY A 83 8.65 13.73 30.40
C GLY A 83 7.81 13.17 29.27
N PRO A 84 6.66 13.80 29.00
CA PRO A 84 5.68 13.25 28.07
C PRO A 84 5.94 13.57 26.61
N GLU A 85 7.01 14.30 26.31
CA GLU A 85 7.18 14.86 24.98
C GLU A 85 7.38 13.82 23.88
N VAL A 86 8.16 12.78 24.15
CA VAL A 86 8.40 11.76 23.12
C VAL A 86 7.08 11.07 22.74
N ARG A 87 6.34 10.66 23.76
CA ARG A 87 5.04 10.05 23.53
C ARG A 87 4.13 11.02 22.78
N GLU A 88 4.04 12.27 23.25
CA GLU A 88 3.17 13.24 22.61
C GLU A 88 3.47 13.35 21.12
N TYR A 89 4.76 13.50 20.79
CA TYR A 89 5.12 13.77 19.42
C TYR A 89 4.95 12.51 18.53
N ARG A 90 5.23 11.34 19.10
CA ARG A 90 4.91 10.11 18.38
C ARG A 90 3.41 10.02 18.09
N GLU A 91 2.60 10.36 19.10
CA GLU A 91 1.16 10.41 18.96
C GLU A 91 0.71 11.40 17.89
N LYS A 92 1.37 12.54 17.80
CA LYS A 92 1.04 13.53 16.79
C LYS A 92 1.25 12.97 15.39
N VAL A 93 2.42 12.37 15.19
CA VAL A 93 2.75 11.81 13.89
C VAL A 93 1.81 10.65 13.58
N GLU A 94 1.57 9.82 14.58
CA GLU A 94 0.66 8.70 14.43
C GLU A 94 -0.75 9.14 13.99
N THR A 95 -1.26 10.19 14.63
CA THR A 95 -2.59 10.69 14.31
C THR A 95 -2.65 11.20 12.88
N GLU A 96 -1.60 11.91 12.43
N GLU A 96 -1.59 11.90 12.45
CA GLU A 96 -1.57 12.40 11.06
CA GLU A 96 -1.49 12.42 11.09
C GLU A 96 -1.52 11.23 10.07
C GLU A 96 -1.48 11.27 10.09
N LEU A 97 -0.71 10.22 10.40
CA LEU A 97 -0.65 9.01 9.58
C LEU A 97 -2.01 8.33 9.46
N GLN A 98 -2.69 8.17 10.60
CA GLN A 98 -4.02 7.58 10.60
C GLN A 98 -4.97 8.41 9.75
N GLY A 99 -4.84 9.73 9.83
CA GLY A 99 -5.68 10.59 9.01
C GLY A 99 -5.49 10.37 7.52
N VAL A 100 -4.24 10.22 7.08
CA VAL A 100 -3.98 9.99 5.67
C VAL A 100 -4.57 8.62 5.27
N CYS A 101 -4.35 7.60 6.09
CA CYS A 101 -4.93 6.30 5.80
C CYS A 101 -6.45 6.37 5.70
N ASP A 102 -7.07 7.07 6.63
CA ASP A 102 -8.52 7.22 6.61
C ASP A 102 -8.99 7.95 5.36
N THR A 103 -8.23 8.95 4.92
CA THR A 103 -8.55 9.66 3.69
C THR A 103 -8.53 8.73 2.50
N VAL A 104 -7.47 7.93 2.37
CA VAL A 104 -7.39 7.02 1.23
C VAL A 104 -8.51 5.99 1.29
N LEU A 105 -8.72 5.38 2.47
CA LEU A 105 -9.77 4.38 2.60
C LEU A 105 -11.13 5.00 2.28
N GLY A 106 -11.28 6.27 2.66
CA GLY A 106 -12.49 6.98 2.31
C GLY A 106 -12.76 7.15 0.83
N LEU A 107 -11.71 7.46 0.06
CA LEU A 107 -11.82 7.58 -1.37
C LEU A 107 -12.16 6.22 -1.97
N LEU A 108 -11.55 5.15 -1.45
CA LEU A 108 -11.85 3.83 -1.98
C LEU A 108 -13.29 3.45 -1.70
N ASP A 109 -13.80 3.79 -0.52
CA ASP A 109 -15.17 3.45 -0.15
C ASP A 109 -16.19 4.39 -0.76
N SER A 110 -15.80 5.59 -1.20
CA SER A 110 -16.71 6.62 -1.66
C SER A 110 -16.11 7.29 -2.90
N HIS A 111 -16.12 6.62 -4.09
CA HIS A 111 -16.82 5.39 -4.41
C HIS A 111 -16.01 4.57 -5.41
N LEU A 112 -14.68 4.56 -5.25
CA LEU A 112 -13.84 3.96 -6.28
C LEU A 112 -14.07 2.44 -6.41
N ILE A 113 -14.13 1.72 -5.30
CA ILE A 113 -14.24 0.27 -5.38
C ILE A 113 -15.56 -0.14 -5.98
N LYS A 114 -16.66 0.47 -5.52
CA LYS A 114 -17.96 0.01 -5.98
C LYS A 114 -18.19 0.21 -7.49
N GLU A 115 -17.46 1.14 -8.11
CA GLU A 115 -17.60 1.37 -9.54
C GLU A 115 -16.57 0.63 -10.37
N ALA A 116 -15.63 -0.08 -9.71
CA ALA A 116 -14.55 -0.77 -10.40
C ALA A 116 -14.97 -2.19 -10.75
N GLY A 117 -15.19 -2.42 -12.02
CA GLY A 117 -15.63 -3.72 -12.50
C GLY A 117 -14.59 -4.55 -13.25
N ASP A 118 -13.63 -3.88 -13.85
CA ASP A 118 -12.60 -4.59 -14.55
C ASP A 118 -11.61 -5.12 -13.52
N ALA A 119 -10.99 -6.26 -13.82
CA ALA A 119 -10.07 -6.86 -12.87
C ALA A 119 -8.91 -5.92 -12.54
N GLU A 120 -8.36 -5.25 -13.54
CA GLU A 120 -7.19 -4.42 -13.28
CA GLU A 120 -7.21 -4.38 -13.34
C GLU A 120 -7.51 -3.27 -12.34
N SER A 121 -8.70 -2.70 -12.45
CA SER A 121 -9.05 -1.62 -11.54
C SER A 121 -9.42 -2.16 -10.15
N ARG A 122 -10.28 -3.17 -10.14
CA ARG A 122 -10.80 -3.68 -8.88
C ARG A 122 -9.69 -4.26 -7.99
N VAL A 123 -8.79 -5.03 -8.60
CA VAL A 123 -7.68 -5.60 -7.84
C VAL A 123 -6.77 -4.48 -7.33
N PHE A 124 -6.48 -3.50 -8.19
CA PHE A 124 -5.65 -2.37 -7.80
C PHE A 124 -6.21 -1.67 -6.54
N TYR A 125 -7.52 -1.37 -6.57
CA TYR A 125 -8.11 -0.69 -5.45
C TYR A 125 -8.22 -1.54 -4.18
N LEU A 126 -8.49 -2.84 -4.34
CA LEU A 126 -8.54 -3.70 -3.18
C LEU A 126 -7.15 -3.87 -2.57
N LYS A 127 -6.12 -3.97 -3.42
CA LYS A 127 -4.75 -3.99 -2.91
C LYS A 127 -4.48 -2.72 -2.08
N MET A 128 -4.88 -1.56 -2.60
N MET A 128 -4.90 -1.57 -2.59
CA MET A 128 -4.74 -0.30 -1.84
CA MET A 128 -4.75 -0.32 -1.86
C MET A 128 -5.47 -0.39 -0.50
C MET A 128 -5.48 -0.38 -0.51
N LYS A 129 -6.70 -0.92 -0.50
CA LYS A 129 -7.45 -1.04 0.74
C LYS A 129 -6.70 -1.91 1.75
N GLY A 130 -6.14 -3.04 1.28
CA GLY A 130 -5.31 -3.87 2.14
C GLY A 130 -4.08 -3.14 2.67
N ASP A 131 -3.40 -2.43 1.79
CA ASP A 131 -2.20 -1.69 2.15
C ASP A 131 -2.48 -0.66 3.25
N TYR A 132 -3.55 0.13 3.08
CA TYR A 132 -3.79 1.21 4.03
C TYR A 132 -4.34 0.72 5.37
N TYR A 133 -5.09 -0.39 5.38
CA TYR A 133 -5.39 -1.06 6.63
C TYR A 133 -4.13 -1.67 7.25
N ARG A 134 -3.19 -2.17 6.41
CA ARG A 134 -1.94 -2.66 6.96
C ARG A 134 -1.16 -1.54 7.66
N TYR A 135 -1.12 -0.34 7.07
CA TYR A 135 -0.46 0.78 7.72
C TYR A 135 -1.13 1.16 9.05
N LEU A 136 -2.48 1.14 9.04
CA LEU A 136 -3.17 1.34 10.30
C LEU A 136 -2.83 0.27 11.34
N ALA A 137 -2.68 -0.98 10.89
CA ALA A 137 -2.32 -2.07 11.79
C ALA A 137 -0.92 -1.91 12.39
N GLU A 138 -0.01 -1.33 11.61
CA GLU A 138 1.35 -1.15 12.10
C GLU A 138 1.42 -0.31 13.38
N VAL A 139 0.45 0.61 13.54
CA VAL A 139 0.47 1.52 14.69
C VAL A 139 -0.64 1.25 15.72
N ALA A 140 -1.44 0.23 15.44
CA ALA A 140 -2.58 -0.14 16.27
C ALA A 140 -2.12 -0.89 17.51
N THR A 141 -2.68 -0.49 18.65
CA THR A 141 -2.38 -1.10 19.93
C THR A 141 -3.58 -1.27 20.84
N GLY A 142 -4.80 -0.96 20.35
CA GLY A 142 -5.99 -1.01 21.19
C GLY A 142 -7.01 -2.09 20.83
N ASP A 143 -8.25 -1.86 21.28
CA ASP A 143 -9.35 -2.82 21.19
C ASP A 143 -9.71 -3.24 19.76
N ASP A 144 -9.41 -2.38 18.79
N ASP A 144 -9.43 -2.38 18.78
CA ASP A 144 -9.79 -2.66 17.41
CA ASP A 144 -9.79 -2.66 17.40
C ASP A 144 -8.68 -3.27 16.56
C ASP A 144 -8.61 -3.08 16.53
N LYS A 145 -7.49 -3.48 17.15
CA LYS A 145 -6.35 -3.96 16.37
C LYS A 145 -6.67 -5.25 15.60
N LYS A 146 -7.34 -6.19 16.23
CA LYS A 146 -7.70 -7.41 15.53
C LYS A 146 -8.61 -7.10 14.33
N ARG A 147 -9.58 -6.20 14.52
CA ARG A 147 -10.50 -5.86 13.45
C ARG A 147 -9.76 -5.16 12.31
N ILE A 148 -8.78 -4.30 12.62
CA ILE A 148 -8.01 -3.63 11.59
C ILE A 148 -7.24 -4.66 10.77
N ILE A 149 -6.60 -5.59 11.47
CA ILE A 149 -5.86 -6.64 10.80
C ILE A 149 -6.78 -7.45 9.90
N ASP A 150 -7.96 -7.80 10.41
CA ASP A 150 -8.89 -8.57 9.60
C ASP A 150 -9.39 -7.79 8.38
N SER A 151 -9.56 -6.48 8.51
CA SER A 151 -9.93 -5.65 7.38
C SER A 151 -8.87 -5.67 6.28
N ALA A 152 -7.58 -5.60 6.69
CA ALA A 152 -6.53 -5.72 5.69
C ALA A 152 -6.59 -7.09 5.01
N ARG A 153 -6.66 -8.13 5.83
CA ARG A 153 -6.68 -9.50 5.34
CA ARG A 153 -6.67 -9.49 5.34
C ARG A 153 -7.81 -9.70 4.34
N SER A 154 -9.01 -9.23 4.70
CA SER A 154 -10.17 -9.44 3.85
C SER A 154 -10.04 -8.74 2.49
N ALA A 155 -9.48 -7.52 2.50
CA ALA A 155 -9.30 -6.79 1.26
C ALA A 155 -8.27 -7.50 0.37
N TYR A 156 -7.11 -7.86 0.95
CA TYR A 156 -6.12 -8.59 0.20
C TYR A 156 -6.65 -9.91 -0.35
N GLN A 157 -7.47 -10.61 0.44
CA GLN A 157 -7.96 -11.92 0.03
C GLN A 157 -8.92 -11.75 -1.15
N GLU A 158 -9.84 -10.76 -1.10
CA GLU A 158 -10.70 -10.52 -2.25
C GLU A 158 -9.89 -10.20 -3.52
N ALA A 159 -8.87 -9.35 -3.38
CA ALA A 159 -8.01 -8.99 -4.50
C ALA A 159 -7.31 -10.24 -5.03
N MET A 160 -6.83 -11.09 -4.12
N MET A 160 -6.81 -11.10 -4.15
CA MET A 160 -6.13 -12.30 -4.51
CA MET A 160 -6.12 -12.31 -4.58
C MET A 160 -7.07 -13.20 -5.31
C MET A 160 -7.09 -13.18 -5.35
N ASP A 161 -8.31 -13.34 -4.83
CA ASP A 161 -9.23 -14.26 -5.49
C ASP A 161 -9.51 -13.79 -6.93
N ILE A 162 -9.78 -12.48 -7.10
CA ILE A 162 -10.01 -11.94 -8.44
C ILE A 162 -8.78 -12.10 -9.31
N SER A 163 -7.60 -11.77 -8.76
CA SER A 163 -6.39 -11.79 -9.56
C SER A 163 -6.10 -13.20 -10.08
N LYS A 164 -6.35 -14.22 -9.26
CA LYS A 164 -6.07 -15.58 -9.69
C LYS A 164 -7.02 -16.02 -10.78
N LYS A 165 -8.27 -15.54 -10.75
CA LYS A 165 -9.23 -15.93 -11.76
C LYS A 165 -9.08 -15.16 -13.08
N GLU A 166 -8.68 -13.88 -12.97
CA GLU A 166 -8.80 -12.95 -14.08
C GLU A 166 -7.54 -12.40 -14.73
N MET A 167 -6.39 -12.63 -14.09
N MET A 167 -6.38 -12.66 -14.12
CA MET A 167 -5.11 -12.12 -14.55
CA MET A 167 -5.13 -12.08 -14.58
C MET A 167 -4.11 -13.24 -14.73
C MET A 167 -4.07 -13.16 -14.68
N PRO A 168 -3.15 -13.06 -15.67
CA PRO A 168 -2.07 -14.03 -15.79
C PRO A 168 -1.12 -13.90 -14.61
N PRO A 169 -0.35 -14.96 -14.31
CA PRO A 169 0.52 -14.96 -13.15
C PRO A 169 1.66 -13.95 -13.20
N THR A 170 1.94 -13.39 -14.39
CA THR A 170 2.96 -12.37 -14.56
C THR A 170 2.44 -10.94 -14.51
N ASN A 171 1.12 -10.78 -14.36
CA ASN A 171 0.55 -9.43 -14.36
C ASN A 171 1.16 -8.64 -13.20
N PRO A 172 1.73 -7.42 -13.44
CA PRO A 172 2.40 -6.68 -12.38
C PRO A 172 1.52 -6.35 -11.18
N ILE A 173 0.23 -6.09 -11.42
CA ILE A 173 -0.66 -5.82 -10.32
C ILE A 173 -0.82 -7.07 -9.45
N ARG A 174 -1.05 -8.21 -10.11
CA ARG A 174 -1.13 -9.47 -9.39
C ARG A 174 0.14 -9.76 -8.58
N LEU A 175 1.30 -9.53 -9.21
CA LEU A 175 2.56 -9.75 -8.53
C LEU A 175 2.77 -8.86 -7.32
N GLY A 176 2.47 -7.57 -7.51
CA GLY A 176 2.66 -6.61 -6.43
C GLY A 176 1.68 -6.81 -5.27
N LEU A 177 0.46 -7.23 -5.60
CA LEU A 177 -0.49 -7.66 -4.60
C LEU A 177 0.05 -8.80 -3.74
N ALA A 178 0.58 -9.83 -4.42
CA ALA A 178 1.09 -10.99 -3.71
C ALA A 178 2.30 -10.63 -2.86
N LEU A 179 3.21 -9.80 -3.41
CA LEU A 179 4.34 -9.29 -2.64
C LEU A 179 3.85 -8.68 -1.32
N ASN A 180 2.87 -7.78 -1.43
CA ASN A 180 2.43 -7.02 -0.24
C ASN A 180 1.64 -7.88 0.73
N PHE A 181 0.80 -8.80 0.20
CA PHE A 181 0.04 -9.70 1.06
C PHE A 181 1.00 -10.62 1.82
N SER A 182 2.06 -11.05 1.13
CA SER A 182 3.10 -11.84 1.76
C SER A 182 3.74 -11.07 2.92
N VAL A 183 4.06 -9.79 2.70
CA VAL A 183 4.61 -8.98 3.78
C VAL A 183 3.59 -8.80 4.92
N PHE A 184 2.31 -8.61 4.59
CA PHE A 184 1.26 -8.63 5.61
C PHE A 184 1.34 -9.88 6.50
N HIS A 185 1.46 -11.05 5.86
CA HIS A 185 1.54 -12.28 6.63
C HIS A 185 2.74 -12.26 7.58
N TYR A 186 3.91 -11.82 7.05
CA TYR A 186 5.13 -11.89 7.83
C TYR A 186 5.14 -10.88 8.98
N GLU A 187 4.79 -9.64 8.66
CA GLU A 187 4.99 -8.53 9.59
C GLU A 187 3.79 -8.20 10.48
N ILE A 188 2.60 -8.52 9.99
CA ILE A 188 1.38 -8.15 10.71
C ILE A 188 0.65 -9.33 11.34
N ALA A 189 0.49 -10.41 10.56
CA ALA A 189 -0.29 -11.57 10.99
C ALA A 189 0.51 -12.65 11.72
N ASN A 190 1.81 -12.43 11.89
CA ASN A 190 2.62 -13.38 12.62
C ASN A 190 2.56 -14.75 11.96
N SER A 191 2.61 -14.74 10.63
CA SER A 191 2.46 -15.94 9.82
C SER A 191 3.61 -16.05 8.83
N PRO A 192 4.87 -16.18 9.31
CA PRO A 192 6.03 -16.20 8.40
C PRO A 192 5.99 -17.36 7.39
N GLU A 193 5.47 -18.51 7.81
CA GLU A 193 5.37 -19.62 6.86
C GLU A 193 4.43 -19.32 5.70
N GLU A 194 3.29 -18.69 5.99
CA GLU A 194 2.36 -18.30 4.95
C GLU A 194 3.02 -17.27 4.01
N ALA A 195 3.76 -16.34 4.59
CA ALA A 195 4.44 -15.31 3.82
C ALA A 195 5.42 -15.92 2.82
N ILE A 196 6.22 -16.88 3.31
CA ILE A 196 7.23 -17.51 2.49
C ILE A 196 6.57 -18.36 1.40
N SER A 197 5.57 -19.16 1.77
CA SER A 197 4.84 -19.98 0.80
CA SER A 197 4.86 -19.97 0.80
C SER A 197 4.26 -19.12 -0.32
N LEU A 198 3.61 -18.03 0.07
CA LEU A 198 3.00 -17.17 -0.93
C LEU A 198 4.04 -16.56 -1.88
N ALA A 199 5.13 -16.05 -1.31
CA ALA A 199 6.13 -15.46 -2.16
C ALA A 199 6.76 -16.48 -3.12
N LYS A 200 7.02 -17.69 -2.63
CA LYS A 200 7.64 -18.70 -3.47
CA LYS A 200 7.61 -18.75 -3.45
C LYS A 200 6.67 -19.17 -4.57
N THR A 201 5.40 -19.49 -4.22
CA THR A 201 4.46 -19.93 -5.22
CA THR A 201 4.47 -19.94 -5.24
C THR A 201 4.24 -18.85 -6.28
N THR A 202 4.13 -17.59 -5.82
CA THR A 202 3.94 -16.49 -6.76
C THR A 202 5.11 -16.40 -7.73
N PHE A 203 6.35 -16.45 -7.17
CA PHE A 203 7.54 -16.39 -8.01
C PHE A 203 7.55 -17.51 -9.06
N ASP A 204 7.29 -18.72 -8.61
CA ASP A 204 7.46 -19.89 -9.48
C ASP A 204 6.38 -19.91 -10.58
N GLU A 205 5.15 -19.48 -10.26
CA GLU A 205 4.10 -19.46 -11.26
C GLU A 205 4.35 -18.34 -12.28
N ALA A 206 4.93 -17.22 -11.81
CA ALA A 206 5.31 -16.19 -12.75
C ALA A 206 6.45 -16.64 -13.67
N MET A 207 7.46 -17.28 -13.11
CA MET A 207 8.58 -17.69 -13.94
CA MET A 207 8.59 -17.79 -13.89
C MET A 207 8.10 -18.59 -15.10
N ALA A 208 7.15 -19.48 -14.82
CA ALA A 208 6.59 -20.37 -15.81
C ALA A 208 5.78 -19.70 -16.91
N ASP A 209 5.37 -18.44 -16.70
CA ASP A 209 4.58 -17.71 -17.67
C ASP A 209 5.37 -16.64 -18.43
N LEU A 210 6.65 -16.42 -18.06
CA LEU A 210 7.41 -15.37 -18.73
C LEU A 210 7.55 -15.57 -20.24
N HIS A 211 7.50 -16.82 -20.68
CA HIS A 211 7.71 -17.14 -22.09
C HIS A 211 6.68 -16.54 -23.03
N THR A 212 5.53 -16.14 -22.44
CA THR A 212 4.42 -15.57 -23.20
C THR A 212 4.53 -14.08 -23.48
N LEU A 213 5.52 -13.45 -22.85
CA LEU A 213 5.61 -12.01 -22.78
C LEU A 213 6.55 -11.38 -23.83
N SER A 214 6.20 -10.16 -24.19
CA SER A 214 7.10 -9.25 -24.89
C SER A 214 8.30 -8.88 -24.02
N GLU A 215 9.32 -8.30 -24.68
CA GLU A 215 10.48 -7.79 -23.99
C GLU A 215 10.12 -6.78 -22.91
N ASP A 216 9.23 -5.83 -23.24
CA ASP A 216 8.89 -4.82 -22.25
C ASP A 216 8.07 -5.41 -21.11
N SER A 217 7.12 -6.32 -21.41
CA SER A 217 6.36 -6.94 -20.33
C SER A 217 7.24 -7.81 -19.43
N TYR A 218 8.19 -8.49 -20.06
CA TYR A 218 9.13 -9.29 -19.32
C TYR A 218 9.91 -8.45 -18.32
N LYS A 219 10.38 -7.28 -18.76
CA LYS A 219 11.10 -6.38 -17.87
C LYS A 219 10.26 -5.99 -16.65
N ASP A 220 9.00 -5.62 -16.89
CA ASP A 220 8.09 -5.21 -15.83
C ASP A 220 7.90 -6.35 -14.82
N SER A 221 7.62 -7.55 -15.31
CA SER A 221 7.31 -8.65 -14.43
C SER A 221 8.53 -9.13 -13.65
N THR A 222 9.68 -9.22 -14.34
CA THR A 222 10.88 -9.66 -13.66
C THR A 222 11.36 -8.70 -12.57
N LEU A 223 11.09 -7.39 -12.74
CA LEU A 223 11.44 -6.45 -11.68
C LEU A 223 10.72 -6.83 -10.37
N ILE A 224 9.43 -7.13 -10.44
CA ILE A 224 8.69 -7.39 -9.22
C ILE A 224 9.07 -8.77 -8.72
N MET A 225 9.30 -9.71 -9.65
CA MET A 225 9.74 -11.02 -9.21
C MET A 225 11.03 -10.96 -8.39
N GLN A 226 11.92 -10.02 -8.75
CA GLN A 226 13.12 -9.86 -7.96
C GLN A 226 12.87 -9.38 -6.54
N LEU A 227 11.82 -8.56 -6.36
CA LEU A 227 11.42 -8.17 -5.01
C LEU A 227 10.92 -9.35 -4.18
N LEU A 228 10.14 -10.25 -4.80
CA LEU A 228 9.75 -11.47 -4.14
C LEU A 228 10.97 -12.25 -3.67
N ARG A 229 11.95 -12.40 -4.59
CA ARG A 229 13.17 -13.12 -4.28
C ARG A 229 13.94 -12.44 -3.15
N ASP A 230 13.98 -11.11 -3.19
CA ASP A 230 14.69 -10.37 -2.15
C ASP A 230 14.07 -10.63 -0.77
N ASN A 231 12.74 -10.64 -0.69
CA ASN A 231 12.10 -10.95 0.57
C ASN A 231 12.37 -12.38 1.01
N LEU A 232 12.27 -13.32 0.08
CA LEU A 232 12.57 -14.71 0.39
C LEU A 232 13.97 -14.84 0.95
N THR A 233 14.91 -14.10 0.36
CA THR A 233 16.27 -14.15 0.86
C THR A 233 16.42 -13.57 2.28
N LEU A 234 15.66 -12.50 2.55
CA LEU A 234 15.64 -11.90 3.87
C LEU A 234 15.08 -12.87 4.92
N TRP A 235 14.13 -13.71 4.49
CA TRP A 235 13.34 -14.54 5.39
C TRP A 235 13.80 -15.97 5.59
N THR A 236 14.77 -16.40 4.78
CA THR A 236 15.27 -17.76 4.82
C THR A 236 16.81 -17.77 4.97
N PHE B 1 13.59 -3.50 6.57
CA PHE B 1 12.20 -3.78 6.20
C PHE B 1 12.07 -4.51 4.86
N PRO B 2 11.05 -5.37 4.70
CA PRO B 2 10.85 -6.07 3.43
C PRO B 2 10.27 -5.16 2.35
N ALA B 3 10.42 -5.58 1.11
CA ALA B 3 9.96 -4.84 -0.06
C ALA B 3 8.46 -4.95 -0.26
N TPO B 4 7.86 -3.78 -0.50
CA TPO B 4 6.47 -3.66 -0.92
CB TPO B 4 5.53 -3.29 0.25
CG2 TPO B 4 5.49 -4.34 1.34
OG1 TPO B 4 6.07 -2.05 0.79
P TPO B 4 5.25 -1.14 1.84
O1P TPO B 4 5.39 -1.79 3.20
O2P TPO B 4 5.95 0.20 1.74
O3P TPO B 4 3.82 -1.12 1.35
C TPO B 4 6.39 -2.65 -2.04
O TPO B 4 7.28 -1.85 -2.22
N VAL B 5 5.32 -2.74 -2.82
CA VAL B 5 5.10 -1.81 -3.92
C VAL B 5 3.78 -1.11 -3.87
C4 A1I01 C . 0.32 -2.94 -7.94
C14 A1I01 C . -1.91 -0.61 -13.83
C5 A1I01 C . 1.45 -3.61 -8.37
C6 A1I01 C . 2.55 -2.86 -8.68
C11 A1I01 C . 1.91 -0.14 -11.85
C7 A1I01 C . 2.59 -1.48 -8.49
C8 A1I01 C . 4.51 -1.03 -9.96
C9 A1I01 C . 4.17 -1.24 -11.31
C10 A1I01 C . 2.87 -1.14 -12.04
C12 A1I01 C . 0.74 -0.12 -12.59
C13 A1I01 C . 0.49 -1.07 -13.59
N1 A1I01 C . 3.75 -0.75 -8.83
N2 A1I01 C . -0.73 -0.99 -14.33
C3 A1I01 C . 0.34 -1.57 -7.78
N3 A1I01 C . 5.31 -1.52 -12.02
C1 A1I01 C . 1.44 0.78 -7.82
C2 A1I01 C . 1.46 -0.80 -8.04
CL1 A1I01 C . 3.92 -3.72 -9.22
O1 A1I01 C . -2.09 -0.49 -12.62
C15 A1I01 C . -2.96 -0.16 -14.83
C16 A1I01 C . 1.46 -2.04 -13.81
C17 A1I01 C . 2.62 -2.05 -13.06
C18 A1I01 C . 6.33 -1.52 -11.15
C19 A1I01 C . 7.71 -1.75 -11.34
C20 A1I01 C . 8.54 -1.72 -10.28
C21 A1I01 C . 8.05 -1.42 -8.99
C22 A1I01 C . 6.73 -1.18 -8.80
N4 A1I01 C . 5.89 -1.22 -9.88
CA CA D . -15.26 20.13 -15.84
CA CA E . -2.72 6.90 19.03
CA CA F . -17.10 0.78 -13.82
CL CL G . -2.17 25.41 -8.40
#